data_4N38
#
_entry.id   4N38
#
_cell.length_a   79.030
_cell.length_b   79.030
_cell.length_c   91.390
_cell.angle_alpha   90.00
_cell.angle_beta   90.00
_cell.angle_gamma   90.00
#
_symmetry.space_group_name_H-M   'P 42'
#
loop_
_entity.id
_entity.type
_entity.pdbx_description
1 polymer 'C-type lectin domain family 4 member K'
2 branched 2-acetamido-2-deoxy-beta-D-glucopyranose-(1-3)-beta-D-galactopyranose
3 non-polymer 'CALCIUM ION'
4 non-polymer 'MAGNESIUM ION'
5 water water
#
_entity_poly.entity_id   1
_entity_poly.type   'polypeptide(L)'
_entity_poly.pdbx_seq_one_letter_code
;QVVSQGWKYFKGNFYYFSLIPKTWYSAEQFCVSRNSHLTSVTSESEQEFLYKTAGGLIYWIGLTKAGMEGDWSWVDDTPF
NKVQSARFWIPGEPNDAGNNEHCGNIKAPSLQAWNDAPCDITFLFICKRPYVPSEP
;
_entity_poly.pdbx_strand_id   A,B,C,D
#
loop_
_chem_comp.id
_chem_comp.type
_chem_comp.name
_chem_comp.formula
CA non-polymer 'CALCIUM ION' 'Ca 2'
GAL D-saccharide, beta linking beta-D-galactopyranose 'C6 H12 O6'
MG non-polymer 'MAGNESIUM ION' 'Mg 2'
NAG D-saccharide, beta linking 2-acetamido-2-deoxy-beta-D-glucopyranose 'C8 H15 N O6'
#
# COMPACT_ATOMS: atom_id res chain seq x y z
N GLY A 6 13.22 -4.49 -25.10
CA GLY A 6 12.56 -3.44 -25.85
C GLY A 6 12.01 -2.35 -24.95
N TRP A 7 12.69 -2.09 -23.84
CA TRP A 7 12.28 -1.04 -22.92
C TRP A 7 12.89 0.27 -23.35
N LYS A 8 12.07 1.31 -23.44
CA LYS A 8 12.51 2.65 -23.83
C LYS A 8 12.77 3.49 -22.59
N TYR A 9 13.89 4.20 -22.59
CA TYR A 9 14.30 4.99 -21.44
C TYR A 9 13.88 6.46 -21.54
N PHE A 10 13.38 6.99 -20.43
CA PHE A 10 12.99 8.39 -20.38
C PHE A 10 13.02 8.90 -18.96
N LYS A 11 13.89 9.88 -18.72
CA LYS A 11 14.04 10.55 -17.42
C LYS A 11 13.95 9.63 -16.20
N GLY A 12 14.87 8.69 -16.08
CA GLY A 12 14.96 7.85 -14.90
C GLY A 12 14.05 6.63 -14.87
N ASN A 13 13.23 6.47 -15.89
CA ASN A 13 12.35 5.31 -15.99
C ASN A 13 12.50 4.58 -17.34
N PHE A 14 12.30 3.26 -17.33
CA PHE A 14 12.14 2.49 -18.55
C PHE A 14 10.66 2.19 -18.77
N TYR A 15 10.27 2.14 -20.04
CA TYR A 15 8.88 1.95 -20.42
C TYR A 15 8.78 0.85 -21.44
N TYR A 16 7.76 0.01 -21.29
CA TYR A 16 7.55 -1.06 -22.23
C TYR A 16 6.21 -0.85 -22.91
N PHE A 17 6.25 -0.69 -24.22
CA PHE A 17 5.04 -0.50 -25.00
C PHE A 17 4.70 -1.85 -25.57
N SER A 18 3.62 -2.46 -25.08
CA SER A 18 3.35 -3.85 -25.43
C SER A 18 3.00 -4.03 -26.90
N LEU A 19 3.18 -5.24 -27.39
CA LEU A 19 2.83 -5.62 -28.76
C LEU A 19 1.53 -6.42 -28.79
N ILE A 20 1.10 -6.90 -27.62
CA ILE A 20 -0.06 -7.77 -27.48
C ILE A 20 -1.10 -7.10 -26.58
N PRO A 21 -2.37 -7.11 -27.00
CA PRO A 21 -3.37 -6.43 -26.17
C PRO A 21 -3.82 -7.30 -25.00
N LYS A 22 -4.17 -6.65 -23.88
CA LYS A 22 -4.69 -7.35 -22.71
C LYS A 22 -5.73 -6.45 -22.02
N THR A 23 -6.57 -7.05 -21.18
CA THR A 23 -7.45 -6.27 -20.32
C THR A 23 -6.54 -5.49 -19.37
N TRP A 24 -7.08 -4.43 -18.75
CA TRP A 24 -6.31 -3.59 -17.83
C TRP A 24 -5.57 -4.42 -16.76
N TYR A 25 -6.28 -5.33 -16.10
CA TYR A 25 -5.67 -6.06 -15.00
C TYR A 25 -4.69 -7.13 -15.45
N SER A 26 -4.98 -7.79 -16.57
CA SER A 26 -3.99 -8.75 -17.07
C SER A 26 -2.72 -8.00 -17.52
N ALA A 27 -2.90 -6.78 -18.02
CA ALA A 27 -1.77 -5.92 -18.37
C ALA A 27 -0.99 -5.58 -17.11
N GLU A 28 -1.70 -5.17 -16.05
CA GLU A 28 -1.03 -4.82 -14.81
C GLU A 28 -0.24 -6.00 -14.27
N GLN A 29 -0.83 -7.18 -14.35
CA GLN A 29 -0.19 -8.39 -13.89
C GLN A 29 1.04 -8.72 -14.71
N PHE A 30 0.96 -8.47 -16.01
CA PHE A 30 2.12 -8.63 -16.86
C PHE A 30 3.26 -7.70 -16.40
N CYS A 31 2.93 -6.42 -16.20
CA CYS A 31 3.91 -5.43 -15.74
C CYS A 31 4.57 -5.85 -14.41
N VAL A 32 3.73 -6.25 -13.47
CA VAL A 32 4.22 -6.69 -12.18
C VAL A 32 5.19 -7.87 -12.29
N SER A 33 4.91 -8.77 -13.23
CA SER A 33 5.80 -9.91 -13.48
C SER A 33 7.14 -9.47 -14.07
N ARG A 34 7.17 -8.28 -14.68
CA ARG A 34 8.42 -7.72 -15.17
C ARG A 34 8.94 -6.63 -14.25
N ASN A 35 8.58 -6.73 -12.97
CA ASN A 35 9.06 -5.80 -11.96
C ASN A 35 8.73 -4.35 -12.30
N SER A 36 7.48 -4.13 -12.71
CA SER A 36 7.02 -2.82 -13.10
C SER A 36 5.53 -2.68 -12.82
N HIS A 37 4.98 -1.54 -13.23
CA HIS A 37 3.55 -1.29 -13.11
C HIS A 37 3.09 -0.62 -14.39
N LEU A 38 1.80 -0.69 -14.68
CA LEU A 38 1.21 0.18 -15.69
C LEU A 38 1.59 1.62 -15.34
N THR A 39 1.99 2.38 -16.35
CA THR A 39 2.61 3.67 -16.13
C THR A 39 1.71 4.71 -15.44
N SER A 40 2.30 5.48 -14.53
CA SER A 40 1.68 6.70 -14.06
C SER A 40 2.11 7.84 -14.99
N VAL A 41 1.42 8.99 -14.89
CA VAL A 41 1.78 10.16 -15.68
C VAL A 41 1.78 11.35 -14.73
N THR A 42 2.94 11.96 -14.54
CA THR A 42 3.14 12.92 -13.46
C THR A 42 3.64 14.26 -13.93
N SER A 43 3.86 14.39 -15.24
CA SER A 43 4.22 15.68 -15.80
C SER A 43 3.69 15.83 -17.21
N GLU A 44 3.69 17.07 -17.69
CA GLU A 44 3.38 17.35 -19.07
C GLU A 44 4.39 16.68 -20.00
N SER A 45 5.67 16.72 -19.61
CA SER A 45 6.71 16.10 -20.43
C SER A 45 6.60 14.58 -20.48
N GLU A 46 6.14 13.97 -19.40
CA GLU A 46 5.95 12.52 -19.43
C GLU A 46 4.73 12.18 -20.29
N GLN A 47 3.69 13.00 -20.21
CA GLN A 47 2.51 12.80 -21.01
C GLN A 47 2.90 12.89 -22.48
N GLU A 48 3.71 13.89 -22.81
CA GLU A 48 4.15 14.10 -24.17
C GLU A 48 5.00 12.93 -24.68
N PHE A 49 5.94 12.46 -23.85
CA PHE A 49 6.76 11.32 -24.25
C PHE A 49 5.86 10.10 -24.53
N LEU A 50 4.87 9.90 -23.68
CA LEU A 50 4.00 8.75 -23.79
C LEU A 50 3.11 8.78 -25.05
N TYR A 51 2.44 9.91 -25.30
CA TYR A 51 1.49 9.96 -26.41
C TYR A 51 2.23 9.97 -27.74
N LYS A 52 3.37 10.65 -27.79
CA LYS A 52 4.22 10.60 -28.97
C LYS A 52 4.73 9.20 -29.26
N THR A 53 5.14 8.49 -28.21
CA THR A 53 5.66 7.14 -28.41
C THR A 53 4.52 6.22 -28.79
N ALA A 54 3.33 6.53 -28.27
CA ALA A 54 2.14 5.73 -28.58
C ALA A 54 1.78 5.81 -30.08
N GLY A 55 2.20 6.88 -30.74
CA GLY A 55 2.00 7.03 -32.18
C GLY A 55 0.57 6.89 -32.67
N GLY A 56 -0.38 7.39 -31.89
CA GLY A 56 -1.78 7.36 -32.29
C GLY A 56 -2.55 6.09 -32.03
N LEU A 57 -1.91 5.11 -31.37
CA LEU A 57 -2.62 3.90 -30.95
C LEU A 57 -3.04 4.01 -29.48
N ILE A 58 -3.98 3.16 -29.07
CA ILE A 58 -4.51 3.18 -27.71
C ILE A 58 -3.76 2.25 -26.76
N TYR A 59 -3.32 2.79 -25.61
CA TYR A 59 -2.61 2.00 -24.61
C TYR A 59 -3.17 2.20 -23.20
N TRP A 60 -3.50 1.10 -22.53
CA TRP A 60 -3.79 1.15 -21.10
C TRP A 60 -2.62 1.80 -20.37
N ILE A 61 -2.94 2.72 -19.47
CA ILE A 61 -1.98 3.23 -18.49
C ILE A 61 -2.50 2.90 -17.08
N GLY A 62 -1.79 3.36 -16.04
CA GLY A 62 -2.06 2.93 -14.69
C GLY A 62 -3.28 3.59 -14.03
N LEU A 63 -4.11 4.24 -14.84
CA LEU A 63 -5.32 4.91 -14.33
C LEU A 63 -6.43 3.92 -13.97
N THR A 64 -6.89 3.99 -12.72
CA THR A 64 -7.97 3.14 -12.25
C THR A 64 -8.71 3.80 -11.07
N LYS A 65 -9.93 3.36 -10.80
CA LYS A 65 -10.73 3.94 -9.71
C LYS A 65 -10.46 3.34 -8.33
N ALA A 66 -10.55 4.19 -7.30
CA ALA A 66 -10.32 3.78 -5.92
C ALA A 66 -11.22 4.57 -4.96
N GLY A 67 -11.46 4.00 -3.78
CA GLY A 67 -12.37 4.61 -2.82
C GLY A 67 -13.83 4.50 -3.23
N MET A 68 -14.73 4.81 -2.30
CA MET A 68 -16.17 4.71 -2.56
C MET A 68 -16.68 5.82 -3.45
N GLU A 69 -15.88 6.88 -3.59
CA GLU A 69 -16.29 8.06 -4.36
C GLU A 69 -15.91 7.95 -5.85
N GLY A 70 -15.21 6.87 -6.21
CA GLY A 70 -14.80 6.67 -7.58
C GLY A 70 -13.72 7.66 -8.01
N ASP A 71 -12.85 8.03 -7.08
CA ASP A 71 -11.71 8.87 -7.41
C ASP A 71 -10.72 8.08 -8.25
N TRP A 72 -10.12 8.75 -9.22
CA TRP A 72 -9.06 8.16 -10.01
C TRP A 72 -7.80 8.05 -9.18
N SER A 73 -6.98 7.07 -9.54
CA SER A 73 -5.77 6.79 -8.80
C SER A 73 -4.80 6.12 -9.75
N TRP A 74 -3.55 6.04 -9.32
CA TRP A 74 -2.50 5.37 -10.07
C TRP A 74 -2.22 4.04 -9.40
N VAL A 75 -2.18 2.98 -10.19
CA VAL A 75 -1.87 1.65 -9.66
C VAL A 75 -0.45 1.53 -9.08
N ASP A 76 0.49 2.40 -9.48
CA ASP A 76 1.84 2.35 -8.91
C ASP A 76 1.92 3.09 -7.57
N ASP A 77 0.76 3.53 -7.10
CA ASP A 77 0.59 4.29 -5.86
C ASP A 77 1.06 5.74 -5.86
N THR A 78 1.48 6.26 -7.01
CA THR A 78 1.66 7.70 -7.16
C THR A 78 0.34 8.40 -6.77
N PRO A 79 0.41 9.35 -5.83
CA PRO A 79 -0.79 10.13 -5.48
C PRO A 79 -1.35 10.79 -6.73
N PHE A 80 -2.65 10.67 -6.94
CA PHE A 80 -3.29 11.23 -8.12
C PHE A 80 -3.61 12.69 -7.83
N ASN A 81 -3.17 13.57 -8.71
CA ASN A 81 -3.36 15.00 -8.51
C ASN A 81 -4.50 15.48 -9.40
N LYS A 82 -5.68 15.63 -8.80
CA LYS A 82 -6.87 16.00 -9.58
C LYS A 82 -6.73 17.34 -10.32
N VAL A 83 -6.04 18.31 -9.69
CA VAL A 83 -5.81 19.61 -10.32
C VAL A 83 -4.80 19.56 -11.46
N GLN A 84 -3.65 18.95 -11.23
CA GLN A 84 -2.59 18.94 -12.24
C GLN A 84 -2.85 17.99 -13.39
N SER A 85 -3.91 17.19 -13.30
CA SER A 85 -4.19 16.18 -14.32
CA SER A 85 -4.20 16.18 -14.31
C SER A 85 -5.41 16.53 -15.17
N ALA A 86 -6.24 17.44 -14.65
CA ALA A 86 -7.50 17.85 -15.31
C ALA A 86 -7.31 18.13 -16.79
N ARG A 87 -6.11 18.60 -17.14
CA ARG A 87 -5.80 18.94 -18.51
C ARG A 87 -5.33 17.74 -19.35
N PHE A 88 -5.27 16.56 -18.75
CA PHE A 88 -4.78 15.37 -19.47
C PHE A 88 -5.89 14.51 -20.05
N TRP A 89 -7.13 14.78 -19.67
CA TRP A 89 -8.26 14.08 -20.25
C TRP A 89 -8.64 14.66 -21.62
N ILE A 90 -9.04 13.77 -22.53
CA ILE A 90 -9.69 14.18 -23.76
C ILE A 90 -10.96 14.95 -23.37
N PRO A 91 -11.20 16.11 -24.03
CA PRO A 91 -12.38 16.92 -23.76
C PRO A 91 -13.65 16.08 -23.73
N GLY A 92 -14.28 15.97 -22.56
CA GLY A 92 -15.50 15.18 -22.43
C GLY A 92 -15.30 13.93 -21.60
N GLU A 93 -14.04 13.59 -21.37
CA GLU A 93 -13.70 12.45 -20.51
C GLU A 93 -13.20 12.99 -19.17
N PRO A 94 -13.30 12.18 -18.10
CA PRO A 94 -13.94 10.88 -18.09
C PRO A 94 -15.46 11.03 -18.15
N ASN A 95 -16.16 10.09 -18.80
CA ASN A 95 -17.60 10.21 -18.95
C ASN A 95 -18.35 9.06 -18.31
N ASP A 96 -17.59 8.07 -17.84
CA ASP A 96 -18.15 6.82 -17.35
C ASP A 96 -19.28 6.35 -18.26
N ALA A 97 -18.96 6.22 -19.54
CA ALA A 97 -19.91 5.74 -20.55
C ALA A 97 -20.41 4.35 -20.18
N GLY A 98 -21.73 4.22 -19.99
CA GLY A 98 -22.32 2.97 -19.58
C GLY A 98 -22.13 2.68 -18.10
N ASN A 99 -21.62 3.66 -17.36
CA ASN A 99 -21.25 3.48 -15.96
C ASN A 99 -20.39 2.22 -15.73
N ASN A 100 -19.49 1.93 -16.65
CA ASN A 100 -18.63 0.76 -16.51
C ASN A 100 -17.22 1.06 -17.02
N GLU A 101 -16.79 2.31 -16.89
CA GLU A 101 -15.46 2.72 -17.33
C GLU A 101 -14.64 3.16 -16.14
N HIS A 102 -13.93 2.20 -15.56
CA HIS A 102 -13.25 2.43 -14.30
C HIS A 102 -11.73 2.33 -14.46
N CYS A 103 -11.27 2.30 -15.71
CA CYS A 103 -9.84 2.27 -16.03
C CYS A 103 -9.54 3.29 -17.10
N GLY A 104 -8.28 3.70 -17.19
CA GLY A 104 -7.90 4.76 -18.12
C GLY A 104 -6.84 4.35 -19.13
N ASN A 105 -6.97 4.89 -20.35
CA ASN A 105 -5.93 4.68 -21.37
C ASN A 105 -5.49 5.97 -22.05
N ILE A 106 -4.35 5.92 -22.69
CA ILE A 106 -3.92 6.99 -23.58
C ILE A 106 -4.56 6.74 -24.96
N LYS A 107 -5.31 7.71 -25.46
CA LYS A 107 -6.10 7.49 -26.67
C LYS A 107 -5.78 8.51 -27.79
N ALA A 108 -5.84 9.79 -27.48
CA ALA A 108 -5.54 10.80 -28.48
C ALA A 108 -4.07 11.22 -28.43
N PRO A 109 -3.45 11.44 -29.59
CA PRO A 109 -2.08 11.95 -29.61
C PRO A 109 -2.08 13.46 -29.35
N SER A 110 -2.41 13.82 -28.11
CA SER A 110 -2.49 15.20 -27.68
C SER A 110 -2.19 15.25 -26.18
N LEU A 111 -1.94 16.43 -25.63
CA LEU A 111 -1.75 16.51 -24.19
C LEU A 111 -3.05 16.15 -23.51
N GLN A 112 -4.16 16.47 -24.17
CA GLN A 112 -5.45 15.98 -23.73
C GLN A 112 -5.64 14.60 -24.34
N ALA A 113 -5.13 13.59 -23.64
CA ALA A 113 -4.90 12.27 -24.22
C ALA A 113 -5.75 11.15 -23.65
N TRP A 114 -6.20 11.29 -22.41
CA TRP A 114 -6.81 10.16 -21.70
C TRP A 114 -8.29 9.96 -21.96
N ASN A 115 -8.70 8.69 -21.96
CA ASN A 115 -10.10 8.31 -21.99
C ASN A 115 -10.31 7.26 -20.91
N ASP A 116 -11.48 7.27 -20.28
CA ASP A 116 -11.85 6.16 -19.41
C ASP A 116 -12.60 5.11 -20.23
N ALA A 117 -12.29 3.84 -19.99
CA ALA A 117 -12.85 2.76 -20.78
C ALA A 117 -13.11 1.61 -19.84
N PRO A 118 -13.93 0.64 -20.27
CA PRO A 118 -14.16 -0.55 -19.46
C PRO A 118 -12.89 -1.36 -19.25
N CYS A 119 -12.66 -1.77 -18.00
CA CYS A 119 -11.44 -2.46 -17.62
C CYS A 119 -11.26 -3.79 -18.32
N ASP A 120 -12.37 -4.36 -18.80
CA ASP A 120 -12.32 -5.70 -19.37
C ASP A 120 -12.05 -5.70 -20.88
N ILE A 121 -12.01 -4.51 -21.46
CA ILE A 121 -11.63 -4.35 -22.87
C ILE A 121 -10.12 -4.52 -23.04
N THR A 122 -9.69 -5.27 -24.06
CA THR A 122 -8.26 -5.44 -24.34
C THR A 122 -7.66 -4.34 -25.20
N PHE A 123 -6.51 -3.80 -24.78
CA PHE A 123 -5.72 -2.86 -25.55
C PHE A 123 -4.28 -3.21 -25.30
N LEU A 124 -3.40 -2.70 -26.17
CA LEU A 124 -1.98 -2.60 -25.85
C LEU A 124 -1.81 -1.82 -24.55
N PHE A 125 -0.63 -1.88 -23.95
CA PHE A 125 -0.44 -1.28 -22.65
C PHE A 125 1.00 -0.85 -22.45
N ILE A 126 1.19 0.01 -21.46
CA ILE A 126 2.50 0.57 -21.18
C ILE A 126 2.93 0.32 -19.73
N CYS A 127 4.00 -0.45 -19.54
CA CYS A 127 4.60 -0.64 -18.22
C CYS A 127 5.68 0.39 -17.98
N LYS A 128 5.89 0.71 -16.70
CA LYS A 128 6.89 1.66 -16.27
C LYS A 128 7.70 1.06 -15.13
N ARG A 129 9.02 1.20 -15.23
CA ARG A 129 9.97 0.60 -14.29
C ARG A 129 11.08 1.62 -14.02
N PRO A 130 11.32 1.96 -12.75
CA PRO A 130 12.41 2.89 -12.44
C PRO A 130 13.77 2.30 -12.74
N TYR A 131 14.70 3.16 -13.16
CA TYR A 131 16.10 2.76 -13.21
C TYR A 131 16.67 2.97 -11.82
N VAL A 132 17.14 1.89 -11.20
CA VAL A 132 17.81 2.02 -9.91
C VAL A 132 19.29 1.63 -10.07
N PRO A 133 20.18 2.65 -10.09
CA PRO A 133 21.63 2.49 -10.25
C PRO A 133 22.23 1.88 -9.00
N GLY B 6 17.92 -15.27 15.85
CA GLY B 6 17.19 -16.48 16.21
C GLY B 6 15.69 -16.35 15.95
N TRP B 7 15.30 -16.46 14.69
CA TRP B 7 13.89 -16.40 14.35
C TRP B 7 13.14 -17.61 14.88
N LYS B 8 12.02 -17.37 15.58
CA LYS B 8 11.19 -18.45 16.10
C LYS B 8 9.99 -18.69 15.19
N TYR B 9 9.62 -19.96 15.00
CA TYR B 9 8.55 -20.32 14.09
C TYR B 9 7.22 -20.51 14.82
N PHE B 10 6.15 -20.05 14.19
CA PHE B 10 4.82 -20.28 14.70
C PHE B 10 3.81 -20.05 13.58
N LYS B 11 3.04 -21.08 13.25
CA LYS B 11 1.97 -21.00 12.26
C LYS B 11 2.31 -20.24 10.98
N GLY B 12 3.37 -20.67 10.30
CA GLY B 12 3.71 -20.13 8.99
C GLY B 12 4.49 -18.82 8.97
N ASN B 13 4.84 -18.31 10.14
CA ASN B 13 5.61 -17.07 10.23
C ASN B 13 6.82 -17.30 11.13
N PHE B 14 7.89 -16.56 10.87
CA PHE B 14 9.07 -16.55 11.73
C PHE B 14 9.07 -15.22 12.47
N TYR B 15 9.51 -15.23 13.71
CA TYR B 15 9.48 -14.02 14.54
C TYR B 15 10.85 -13.74 15.12
N TYR B 16 11.22 -12.46 15.17
CA TYR B 16 12.48 -12.06 15.77
C TYR B 16 12.20 -11.22 17.00
N PHE B 17 12.66 -11.67 18.16
CA PHE B 17 12.49 -10.91 19.40
C PHE B 17 13.82 -10.18 19.65
N SER B 18 13.81 -8.84 19.56
CA SER B 18 15.08 -8.12 19.53
C SER B 18 15.75 -8.16 20.88
N LEU B 19 17.07 -7.96 20.86
CA LEU B 19 17.89 -7.85 22.07
C LEU B 19 18.29 -6.39 22.35
N ILE B 20 18.04 -5.52 21.39
CA ILE B 20 18.42 -4.11 21.45
C ILE B 20 17.15 -3.27 21.33
N PRO B 21 17.02 -2.23 22.17
CA PRO B 21 15.82 -1.38 22.09
C PRO B 21 15.93 -0.28 21.03
N LYS B 22 14.82 0.06 20.39
CA LYS B 22 14.78 1.11 19.36
C LYS B 22 13.45 1.83 19.44
N THR B 23 13.38 3.04 18.87
CA THR B 23 12.10 3.71 18.71
C THR B 23 11.25 2.86 17.77
N TRP B 24 9.95 3.13 17.74
CA TRP B 24 9.05 2.34 16.93
C TRP B 24 9.49 2.32 15.48
N TYR B 25 9.77 3.50 14.92
CA TYR B 25 10.10 3.56 13.50
C TYR B 25 11.48 2.99 13.17
N SER B 26 12.47 3.24 14.03
CA SER B 26 13.78 2.63 13.82
C SER B 26 13.70 1.11 13.93
N ALA B 27 12.81 0.62 14.79
CA ALA B 27 12.57 -0.81 14.89
C ALA B 27 11.99 -1.32 13.57
N GLU B 28 10.94 -0.65 13.08
CA GLU B 28 10.31 -1.07 11.82
C GLU B 28 11.31 -1.09 10.66
N GLN B 29 12.18 -0.09 10.60
CA GLN B 29 13.21 -0.06 9.57
C GLN B 29 14.20 -1.19 9.70
N PHE B 30 14.48 -1.59 10.93
CA PHE B 30 15.30 -2.77 11.16
C PHE B 30 14.57 -3.98 10.57
N CYS B 31 13.31 -4.15 10.93
CA CYS B 31 12.52 -5.30 10.44
C CYS B 31 12.50 -5.35 8.92
N VAL B 32 12.23 -4.20 8.30
CA VAL B 32 12.22 -4.09 6.85
C VAL B 32 13.56 -4.52 6.25
N SER B 33 14.67 -4.12 6.89
CA SER B 33 15.99 -4.52 6.41
C SER B 33 16.19 -6.03 6.50
N ARG B 34 15.41 -6.71 7.33
CA ARG B 34 15.46 -8.16 7.40
C ARG B 34 14.27 -8.80 6.68
N ASN B 35 13.71 -8.08 5.71
CA ASN B 35 12.61 -8.61 4.91
C ASN B 35 11.39 -8.96 5.77
N SER B 36 11.08 -8.09 6.72
CA SER B 36 9.97 -8.31 7.62
C SER B 36 9.31 -7.00 8.07
N HIS B 37 8.42 -7.11 9.04
CA HIS B 37 7.72 -5.95 9.59
C HIS B 37 7.53 -6.17 11.08
N LEU B 38 7.36 -5.09 11.85
CA LEU B 38 6.81 -5.22 13.20
C LEU B 38 5.55 -6.08 13.16
N THR B 39 5.45 -6.99 14.11
CA THR B 39 4.43 -8.04 14.05
C THR B 39 2.98 -7.55 14.13
N SER B 40 2.14 -8.11 13.27
CA SER B 40 0.70 -8.04 13.44
C SER B 40 0.30 -9.14 14.41
N VAL B 41 -0.94 -9.07 14.90
CA VAL B 41 -1.51 -10.10 15.76
C VAL B 41 -2.94 -10.37 15.31
N THR B 42 -3.21 -11.59 14.85
CA THR B 42 -4.49 -11.87 14.20
C THR B 42 -5.23 -13.09 14.74
N SER B 43 -4.84 -13.54 15.93
CA SER B 43 -5.58 -14.60 16.60
C SER B 43 -5.21 -14.63 18.07
N GLU B 44 -6.05 -15.26 18.88
CA GLU B 44 -5.71 -15.46 20.29
C GLU B 44 -4.43 -16.29 20.43
N SER B 45 -4.33 -17.34 19.62
CA SER B 45 -3.15 -18.21 19.70
CA SER B 45 -3.15 -18.21 19.67
C SER B 45 -1.86 -17.44 19.42
N GLU B 46 -1.90 -16.50 18.48
CA GLU B 46 -0.72 -15.71 18.17
C GLU B 46 -0.42 -14.73 19.30
N GLN B 47 -1.47 -14.11 19.83
CA GLN B 47 -1.32 -13.24 20.99
C GLN B 47 -0.65 -14.01 22.13
N GLU B 48 -1.12 -15.23 22.36
CA GLU B 48 -0.54 -16.08 23.40
C GLU B 48 0.94 -16.40 23.14
N PHE B 49 1.25 -16.81 21.91
CA PHE B 49 2.62 -17.09 21.53
C PHE B 49 3.51 -15.90 21.81
N LEU B 50 3.01 -14.71 21.51
CA LEU B 50 3.83 -13.50 21.61
C LEU B 50 4.03 -13.04 23.05
N TYR B 51 2.96 -12.99 23.83
CA TYR B 51 3.12 -12.52 25.20
C TYR B 51 3.93 -13.51 26.04
N LYS B 52 3.73 -14.80 25.79
CA LYS B 52 4.47 -15.81 26.54
C LYS B 52 5.94 -15.78 26.20
N THR B 53 6.25 -15.59 24.92
CA THR B 53 7.65 -15.48 24.52
C THR B 53 8.26 -14.18 25.00
N ALA B 54 7.46 -13.11 25.02
CA ALA B 54 7.92 -11.80 25.52
C ALA B 54 8.37 -11.89 26.98
N GLY B 55 7.74 -12.80 27.72
CA GLY B 55 8.19 -13.13 29.07
C GLY B 55 8.18 -11.97 30.04
N GLY B 56 7.22 -11.08 29.90
CA GLY B 56 7.01 -10.02 30.88
C GLY B 56 7.74 -8.73 30.58
N LEU B 57 8.47 -8.70 29.46
CA LEU B 57 9.13 -7.49 29.01
C LEU B 57 8.33 -6.80 27.89
N ILE B 58 8.55 -5.50 27.73
CA ILE B 58 7.80 -4.71 26.76
C ILE B 58 8.42 -4.76 25.37
N TYR B 59 7.62 -5.13 24.37
CA TYR B 59 8.07 -5.17 22.99
C TYR B 59 7.17 -4.35 22.07
N TRP B 60 7.78 -3.46 21.29
CA TRP B 60 7.08 -2.85 20.16
C TRP B 60 6.57 -3.93 19.21
N ILE B 61 5.30 -3.78 18.81
CA ILE B 61 4.72 -4.58 17.74
C ILE B 61 4.18 -3.61 16.66
N GLY B 62 3.50 -4.14 15.63
CA GLY B 62 3.20 -3.33 14.44
C GLY B 62 1.97 -2.43 14.55
N LEU B 63 1.55 -2.16 15.78
CA LEU B 63 0.43 -1.27 16.04
C LEU B 63 0.83 0.18 15.82
N THR B 64 0.12 0.84 14.91
CA THR B 64 0.30 2.28 14.72
C THR B 64 -0.96 2.93 14.16
N LYS B 65 -1.10 4.24 14.34
CA LYS B 65 -2.29 4.94 13.85
C LYS B 65 -2.18 5.34 12.40
N ALA B 66 -3.33 5.32 11.71
CA ALA B 66 -3.41 5.67 10.31
C ALA B 66 -4.72 6.39 10.05
N GLY B 67 -4.77 7.20 8.99
CA GLY B 67 -5.94 7.99 8.67
C GLY B 67 -6.12 9.17 9.61
N MET B 68 -7.01 10.09 9.24
CA MET B 68 -7.21 11.31 10.03
C MET B 68 -7.90 11.02 11.36
N GLU B 69 -8.71 9.97 11.39
CA GLU B 69 -9.51 9.64 12.56
C GLU B 69 -8.70 8.91 13.61
N GLY B 70 -7.50 8.48 13.23
CA GLY B 70 -6.58 7.87 14.18
C GLY B 70 -6.94 6.45 14.55
N ASP B 71 -7.48 5.70 13.59
CA ASP B 71 -7.78 4.30 13.83
C ASP B 71 -6.49 3.49 13.90
N TRP B 72 -6.45 2.50 14.77
CA TRP B 72 -5.29 1.63 14.84
C TRP B 72 -5.13 0.77 13.57
N SER B 73 -3.91 0.46 13.21
CA SER B 73 -3.64 -0.31 12.00
C SER B 73 -2.38 -1.13 12.19
N TRP B 74 -2.14 -2.06 11.27
CA TRP B 74 -0.93 -2.85 11.29
C TRP B 74 0.07 -2.34 10.27
N VAL B 75 1.34 -2.22 10.65
CA VAL B 75 2.35 -1.74 9.70
C VAL B 75 2.61 -2.77 8.58
N ASP B 76 2.33 -4.04 8.81
CA ASP B 76 2.50 -4.99 7.73
C ASP B 76 1.31 -5.04 6.75
N ASP B 77 0.36 -4.11 6.95
CA ASP B 77 -0.84 -3.97 6.11
C ASP B 77 -1.93 -5.03 6.26
N THR B 78 -1.79 -5.90 7.25
CA THR B 78 -2.91 -6.71 7.67
C THR B 78 -4.05 -5.77 8.04
N PRO B 79 -5.24 -5.96 7.45
CA PRO B 79 -6.40 -5.16 7.87
C PRO B 79 -6.67 -5.29 9.37
N PHE B 80 -6.96 -4.18 10.03
CA PHE B 80 -7.13 -4.22 11.48
C PHE B 80 -8.57 -4.64 11.82
N ASN B 81 -8.69 -5.75 12.53
CA ASN B 81 -9.99 -6.22 13.00
C ASN B 81 -10.24 -5.61 14.37
N LYS B 82 -10.97 -4.51 14.41
CA LYS B 82 -11.23 -3.85 15.68
C LYS B 82 -12.07 -4.71 16.64
N VAL B 83 -13.05 -5.44 16.10
CA VAL B 83 -13.91 -6.28 16.93
C VAL B 83 -13.09 -7.35 17.65
N GLN B 84 -12.30 -8.08 16.88
CA GLN B 84 -11.61 -9.23 17.43
C GLN B 84 -10.37 -8.82 18.21
N SER B 85 -9.95 -7.57 18.08
CA SER B 85 -8.76 -7.09 18.76
C SER B 85 -9.09 -6.45 20.10
N ALA B 86 -10.37 -6.19 20.32
CA ALA B 86 -10.80 -5.48 21.51
C ALA B 86 -10.27 -6.15 22.79
N ARG B 87 -10.25 -7.48 22.80
CA ARG B 87 -9.79 -8.22 23.97
C ARG B 87 -8.26 -8.30 24.16
N PHE B 88 -7.50 -7.58 23.33
CA PHE B 88 -6.03 -7.67 23.35
C PHE B 88 -5.37 -6.47 24.05
N TRP B 89 -6.16 -5.42 24.29
CA TRP B 89 -5.64 -4.24 24.99
C TRP B 89 -5.68 -4.47 26.51
N ILE B 90 -4.69 -3.93 27.21
CA ILE B 90 -4.75 -3.78 28.67
C ILE B 90 -5.98 -2.92 28.98
N PRO B 91 -6.75 -3.31 30.01
CA PRO B 91 -7.89 -2.50 30.44
C PRO B 91 -7.48 -1.04 30.62
N GLY B 92 -8.24 -0.15 30.00
CA GLY B 92 -7.91 1.26 30.05
C GLY B 92 -7.22 1.74 28.79
N GLU B 93 -6.62 0.82 28.05
CA GLU B 93 -5.83 1.21 26.89
C GLU B 93 -6.64 0.91 25.63
N PRO B 94 -6.37 1.64 24.53
CA PRO B 94 -5.39 2.72 24.37
C PRO B 94 -5.88 4.01 25.03
N ASN B 95 -5.00 4.73 25.71
CA ASN B 95 -5.46 5.90 26.47
C ASN B 95 -4.85 7.21 26.01
N ASP B 96 -4.02 7.13 24.97
CA ASP B 96 -3.38 8.29 24.36
C ASP B 96 -2.87 9.29 25.41
N ALA B 97 -2.22 8.77 26.45
CA ALA B 97 -1.65 9.61 27.49
C ALA B 97 -0.88 10.79 26.92
N GLY B 98 -1.29 12.00 27.31
CA GLY B 98 -0.66 13.21 26.83
C GLY B 98 -0.97 13.50 25.36
N ASN B 99 -1.99 12.85 24.84
CA ASN B 99 -2.31 12.90 23.41
C ASN B 99 -1.11 12.65 22.51
N ASN B 100 -0.22 11.76 22.97
CA ASN B 100 1.02 11.54 22.25
C ASN B 100 1.41 10.07 22.10
N GLU B 101 0.44 9.16 22.16
CA GLU B 101 0.71 7.73 22.08
C GLU B 101 0.10 7.12 20.81
N HIS B 102 0.90 7.11 19.75
CA HIS B 102 0.40 6.72 18.43
C HIS B 102 1.00 5.39 17.96
N CYS B 103 1.67 4.68 18.86
CA CYS B 103 2.22 3.36 18.54
C CYS B 103 1.86 2.37 19.65
N GLY B 104 1.94 1.08 19.36
CA GLY B 104 1.53 0.06 20.29
C GLY B 104 2.59 -0.99 20.57
N ASN B 105 2.63 -1.44 21.81
CA ASN B 105 3.53 -2.49 22.24
C ASN B 105 2.81 -3.57 23.03
N ILE B 106 3.46 -4.71 23.13
CA ILE B 106 3.04 -5.76 24.04
C ILE B 106 3.69 -5.43 25.38
N LYS B 107 2.87 -5.26 26.41
CA LYS B 107 3.34 -4.78 27.71
C LYS B 107 3.09 -5.78 28.85
N ALA B 108 1.87 -6.28 28.95
CA ALA B 108 1.51 -7.18 30.03
C ALA B 108 1.43 -8.64 29.57
N PRO B 109 1.96 -9.58 30.39
CA PRO B 109 1.90 -11.00 30.06
C PRO B 109 0.50 -11.57 30.28
N SER B 110 -0.43 -11.12 29.44
CA SER B 110 -1.80 -11.59 29.50
C SER B 110 -2.34 -11.50 28.08
N LEU B 111 -3.47 -12.16 27.80
CA LEU B 111 -4.14 -11.93 26.51
C LEU B 111 -4.45 -10.44 26.37
N GLN B 112 -4.84 -9.81 27.48
CA GLN B 112 -4.94 -8.36 27.53
C GLN B 112 -3.54 -7.77 27.71
N ALA B 113 -2.85 -7.51 26.60
CA ALA B 113 -1.42 -7.21 26.65
C ALA B 113 -1.01 -5.83 26.13
N TRP B 114 -1.76 -5.26 25.20
CA TRP B 114 -1.30 -4.05 24.50
C TRP B 114 -1.45 -2.72 25.26
N ASN B 115 -0.45 -1.87 25.06
CA ASN B 115 -0.50 -0.48 25.49
C ASN B 115 -0.12 0.42 24.33
N ASP B 116 -0.79 1.58 24.21
CA ASP B 116 -0.30 2.59 23.29
C ASP B 116 0.73 3.46 24.01
N ALA B 117 1.80 3.80 23.31
CA ALA B 117 2.91 4.51 23.91
C ALA B 117 3.52 5.44 22.88
N PRO B 118 4.25 6.46 23.34
CA PRO B 118 4.93 7.40 22.44
C PRO B 118 5.90 6.69 21.50
N CYS B 119 5.84 7.03 20.21
CA CYS B 119 6.60 6.33 19.19
C CYS B 119 8.09 6.52 19.36
N ASP B 120 8.46 7.62 20.02
CA ASP B 120 9.86 7.91 20.23
C ASP B 120 10.48 7.26 21.49
N ILE B 121 9.70 6.51 22.25
CA ILE B 121 10.26 5.73 23.37
C ILE B 121 10.99 4.52 22.79
N THR B 122 12.17 4.20 23.32
CA THR B 122 12.86 2.98 22.90
C THR B 122 12.43 1.74 23.70
N PHE B 123 12.10 0.67 22.98
CA PHE B 123 11.78 -0.60 23.59
C PHE B 123 12.39 -1.68 22.70
N LEU B 124 12.52 -2.88 23.25
CA LEU B 124 12.73 -4.07 22.43
C LEU B 124 11.57 -4.18 21.46
N PHE B 125 11.71 -5.03 20.45
CA PHE B 125 10.67 -5.14 19.44
C PHE B 125 10.62 -6.53 18.83
N ILE B 126 9.53 -6.82 18.12
CA ILE B 126 9.29 -8.13 17.53
C ILE B 126 8.99 -7.99 16.03
N CYS B 127 9.83 -8.61 15.19
CA CYS B 127 9.60 -8.62 13.75
C CYS B 127 8.89 -9.90 13.36
N LYS B 128 8.11 -9.84 12.29
CA LYS B 128 7.41 -11.00 11.80
C LYS B 128 7.61 -11.10 10.29
N ARG B 129 7.92 -12.30 9.82
CA ARG B 129 7.95 -12.52 8.38
C ARG B 129 7.42 -13.90 8.03
N PRO B 130 6.60 -13.96 6.98
CA PRO B 130 5.96 -15.23 6.61
C PRO B 130 7.00 -16.16 6.05
N TYR B 131 6.83 -17.46 6.28
CA TYR B 131 7.65 -18.42 5.57
C TYR B 131 7.23 -18.44 4.09
N VAL B 132 8.17 -18.24 3.20
CA VAL B 132 7.87 -18.28 1.79
C VAL B 132 8.80 -19.28 1.10
N PRO B 133 8.24 -20.38 0.60
CA PRO B 133 9.08 -21.40 -0.05
C PRO B 133 9.76 -20.88 -1.32
N SER C 4 -26.67 -1.17 2.14
CA SER C 4 -27.21 -2.28 1.37
C SER C 4 -27.56 -3.48 2.25
N GLN C 5 -28.61 -4.19 1.86
CA GLN C 5 -28.84 -5.52 2.37
C GLN C 5 -27.81 -6.41 1.73
N GLY C 6 -27.76 -7.67 2.15
CA GLY C 6 -26.90 -8.64 1.50
C GLY C 6 -25.49 -8.66 2.06
N TRP C 7 -25.25 -7.88 3.12
CA TRP C 7 -23.99 -7.96 3.86
C TRP C 7 -24.16 -8.88 5.07
N LYS C 8 -23.45 -10.01 5.09
CA LYS C 8 -23.58 -10.99 6.16
C LYS C 8 -22.42 -10.89 7.16
N TYR C 9 -22.74 -10.94 8.45
CA TYR C 9 -21.74 -10.74 9.50
C TYR C 9 -21.05 -12.02 9.98
N PHE C 10 -19.74 -11.95 10.10
CA PHE C 10 -18.93 -13.05 10.64
C PHE C 10 -17.64 -12.49 11.25
N LYS C 11 -17.53 -12.57 12.57
CA LYS C 11 -16.30 -12.28 13.29
C LYS C 11 -15.62 -10.95 12.96
N GLY C 12 -16.34 -9.86 13.15
CA GLY C 12 -15.75 -8.55 12.99
C GLY C 12 -15.72 -8.03 11.56
N ASN C 13 -16.24 -8.82 10.62
CA ASN C 13 -16.37 -8.40 9.23
C ASN C 13 -17.75 -8.70 8.61
N PHE C 14 -18.11 -7.89 7.64
CA PHE C 14 -19.28 -8.09 6.80
C PHE C 14 -18.88 -8.62 5.41
N TYR C 15 -19.64 -9.59 4.90
CA TYR C 15 -19.30 -10.23 3.64
C TYR C 15 -20.48 -10.10 2.67
N TYR C 16 -20.18 -9.70 1.44
CA TYR C 16 -21.17 -9.48 0.41
C TYR C 16 -20.99 -10.52 -0.67
N PHE C 17 -22.01 -11.35 -0.85
CA PHE C 17 -22.02 -12.36 -1.91
C PHE C 17 -22.80 -11.77 -3.07
N SER C 18 -22.13 -11.56 -4.20
CA SER C 18 -22.74 -10.74 -5.24
C SER C 18 -23.87 -11.46 -5.96
N LEU C 19 -24.74 -10.68 -6.59
CA LEU C 19 -25.83 -11.22 -7.39
C LEU C 19 -25.49 -11.28 -8.88
N ILE C 20 -24.47 -10.51 -9.27
CA ILE C 20 -24.07 -10.32 -10.66
C ILE C 20 -22.62 -10.74 -10.85
N PRO C 21 -22.34 -11.50 -11.92
CA PRO C 21 -20.97 -11.97 -12.16
C PRO C 21 -20.10 -10.89 -12.82
N LYS C 22 -18.81 -10.89 -12.45
CA LYS C 22 -17.83 -9.94 -12.99
C LYS C 22 -16.48 -10.62 -13.15
N THR C 23 -15.59 -9.99 -13.91
CA THR C 23 -14.21 -10.48 -13.97
C THR C 23 -13.60 -10.21 -12.60
N TRP C 24 -12.46 -10.83 -12.32
CA TRP C 24 -11.84 -10.66 -11.00
C TRP C 24 -11.65 -9.18 -10.69
N TYR C 25 -11.07 -8.45 -11.62
CA TYR C 25 -10.74 -7.06 -11.31
C TYR C 25 -11.96 -6.16 -11.27
N SER C 26 -12.92 -6.42 -12.15
CA SER C 26 -14.18 -5.67 -12.10
C SER C 26 -14.94 -5.95 -10.80
N ALA C 27 -14.89 -7.18 -10.35
CA ALA C 27 -15.36 -7.51 -9.01
C ALA C 27 -14.63 -6.70 -7.92
N GLU C 28 -13.31 -6.68 -7.96
CA GLU C 28 -12.57 -5.89 -6.96
C GLU C 28 -12.99 -4.43 -7.00
N GLN C 29 -13.14 -3.89 -8.21
CA GLN C 29 -13.58 -2.50 -8.38
C GLN C 29 -14.95 -2.25 -7.75
N PHE C 30 -15.84 -3.21 -7.88
CA PHE C 30 -17.14 -3.09 -7.25
C PHE C 30 -16.99 -3.07 -5.71
N CYS C 31 -16.19 -3.99 -5.17
CA CYS C 31 -15.95 -4.01 -3.73
C CYS C 31 -15.39 -2.68 -3.24
N VAL C 32 -14.43 -2.13 -3.99
CA VAL C 32 -13.81 -0.86 -3.61
C VAL C 32 -14.84 0.28 -3.57
N SER C 33 -15.73 0.29 -4.57
CA SER C 33 -16.86 1.23 -4.60
C SER C 33 -17.77 1.09 -3.38
N ARG C 34 -17.80 -0.09 -2.77
CA ARG C 34 -18.57 -0.30 -1.55
CA ARG C 34 -18.57 -0.36 -1.56
C ARG C 34 -17.69 -0.37 -0.30
N ASN C 35 -16.60 0.40 -0.32
CA ASN C 35 -15.68 0.47 0.81
C ASN C 35 -15.18 -0.90 1.32
N SER C 36 -14.78 -1.75 0.39
CA SER C 36 -14.42 -3.12 0.76
C SER C 36 -13.41 -3.66 -0.23
N HIS C 37 -13.00 -4.92 -0.02
CA HIS C 37 -12.14 -5.62 -0.98
C HIS C 37 -12.70 -7.02 -1.19
N LEU C 38 -12.35 -7.64 -2.32
CA LEU C 38 -12.52 -9.08 -2.45
C LEU C 38 -11.93 -9.75 -1.21
N THR C 39 -12.64 -10.74 -0.69
CA THR C 39 -12.28 -11.26 0.62
C THR C 39 -10.95 -12.02 0.67
N SER C 40 -10.22 -11.80 1.76
CA SER C 40 -9.13 -12.67 2.12
C SER C 40 -9.72 -13.81 2.96
N VAL C 41 -8.92 -14.83 3.19
CA VAL C 41 -9.30 -15.97 4.00
C VAL C 41 -8.10 -16.34 4.82
N THR C 42 -8.21 -16.16 6.13
CA THR C 42 -7.07 -16.31 7.05
C THR C 42 -7.34 -17.23 8.26
N SER C 43 -8.39 -18.06 8.17
CA SER C 43 -8.63 -19.09 9.18
C SER C 43 -9.61 -20.16 8.69
N GLU C 44 -9.58 -21.32 9.33
CA GLU C 44 -10.49 -22.41 8.97
C GLU C 44 -11.95 -21.98 9.12
N SER C 45 -12.22 -21.28 10.21
CA SER C 45 -13.57 -20.79 10.47
CA SER C 45 -13.56 -20.76 10.50
C SER C 45 -14.05 -19.87 9.36
N GLU C 46 -13.20 -18.94 8.93
CA GLU C 46 -13.58 -18.05 7.84
C GLU C 46 -13.87 -18.83 6.55
N GLN C 47 -12.98 -19.74 6.20
CA GLN C 47 -13.12 -20.53 4.98
C GLN C 47 -14.39 -21.36 5.03
N GLU C 48 -14.69 -21.90 6.20
CA GLU C 48 -15.90 -22.69 6.38
C GLU C 48 -17.14 -21.82 6.19
N PHE C 49 -17.12 -20.62 6.76
CA PHE C 49 -18.21 -19.67 6.60
C PHE C 49 -18.44 -19.32 5.13
N LEU C 50 -17.35 -19.11 4.40
CA LEU C 50 -17.46 -18.67 3.02
C LEU C 50 -18.04 -19.74 2.10
N TYR C 51 -17.53 -20.96 2.18
CA TYR C 51 -17.98 -21.99 1.24
C TYR C 51 -19.41 -22.47 1.54
N LYS C 52 -19.76 -22.44 2.81
CA LYS C 52 -21.12 -22.80 3.22
C LYS C 52 -22.14 -21.79 2.69
N THR C 53 -21.85 -20.50 2.87
CA THR C 53 -22.75 -19.46 2.37
C THR C 53 -22.79 -19.50 0.84
N ALA C 54 -21.70 -20.00 0.26
CA ALA C 54 -21.52 -20.01 -1.18
C ALA C 54 -22.52 -20.97 -1.82
N GLY C 55 -22.65 -22.16 -1.24
CA GLY C 55 -23.67 -23.10 -1.64
C GLY C 55 -23.51 -23.58 -3.07
N GLY C 56 -22.31 -24.00 -3.41
CA GLY C 56 -22.04 -24.59 -4.72
C GLY C 56 -21.84 -23.60 -5.84
N LEU C 57 -22.20 -22.35 -5.63
CA LEU C 57 -21.93 -21.34 -6.64
C LEU C 57 -20.46 -20.92 -6.53
N ILE C 58 -19.85 -20.60 -7.67
CA ILE C 58 -18.45 -20.20 -7.69
C ILE C 58 -18.30 -18.70 -7.46
N TYR C 59 -17.50 -18.31 -6.46
CA TYR C 59 -17.27 -16.89 -6.19
C TYR C 59 -15.78 -16.52 -6.25
N TRP C 60 -15.46 -15.44 -6.95
CA TRP C 60 -14.12 -14.84 -6.88
C TRP C 60 -13.84 -14.39 -5.43
N ILE C 61 -12.65 -14.73 -4.93
CA ILE C 61 -12.13 -14.10 -3.70
C ILE C 61 -10.89 -13.25 -4.03
N GLY C 62 -10.22 -12.72 -3.01
CA GLY C 62 -9.14 -11.75 -3.21
C GLY C 62 -7.78 -12.35 -3.59
N LEU C 63 -7.79 -13.61 -4.00
CA LEU C 63 -6.59 -14.36 -4.34
C LEU C 63 -6.08 -14.00 -5.71
N THR C 64 -4.83 -13.59 -5.79
CA THR C 64 -4.26 -13.22 -7.07
C THR C 64 -2.74 -13.27 -7.02
N LYS C 65 -2.15 -13.58 -8.16
CA LYS C 65 -0.70 -13.59 -8.25
C LYS C 65 -0.18 -12.16 -8.26
N ALA C 66 0.98 -11.98 -7.64
CA ALA C 66 1.71 -10.71 -7.67
C ALA C 66 3.20 -10.99 -7.45
N GLY C 67 4.04 -10.05 -7.86
CA GLY C 67 5.48 -10.18 -7.74
C GLY C 67 6.12 -10.91 -8.92
N MET C 68 7.45 -10.98 -8.90
CA MET C 68 8.20 -11.60 -9.99
C MET C 68 8.12 -13.13 -9.97
N GLU C 69 7.88 -13.70 -8.80
CA GLU C 69 7.82 -15.15 -8.67
C GLU C 69 6.43 -15.66 -9.01
N GLY C 70 5.47 -14.73 -9.11
CA GLY C 70 4.09 -15.09 -9.33
C GLY C 70 3.50 -15.80 -8.11
N ASP C 71 3.94 -15.40 -6.91
CA ASP C 71 3.35 -15.94 -5.69
C ASP C 71 1.93 -15.41 -5.48
N TRP C 72 1.12 -16.20 -4.80
CA TRP C 72 -0.23 -15.82 -4.46
C TRP C 72 -0.24 -14.73 -3.39
N SER C 73 -1.19 -13.82 -3.50
CA SER C 73 -1.32 -12.71 -2.57
C SER C 73 -2.79 -12.38 -2.38
N TRP C 74 -3.07 -11.51 -1.42
CA TRP C 74 -4.42 -11.02 -1.15
C TRP C 74 -4.51 -9.56 -1.57
N VAL C 75 -5.54 -9.25 -2.33
CA VAL C 75 -5.72 -7.90 -2.84
C VAL C 75 -5.92 -6.89 -1.70
N ASP C 76 -6.44 -7.36 -0.58
CA ASP C 76 -6.61 -6.49 0.57
C ASP C 76 -5.31 -6.29 1.40
N ASP C 77 -4.19 -6.82 0.88
CA ASP C 77 -2.86 -6.66 1.46
C ASP C 77 -2.55 -7.44 2.74
N THR C 78 -3.45 -8.31 3.17
CA THR C 78 -3.10 -9.32 4.16
C THR C 78 -1.90 -10.08 3.61
N PRO C 79 -0.82 -10.20 4.40
CA PRO C 79 0.31 -11.02 3.99
C PRO C 79 -0.10 -12.47 3.76
N PHE C 80 0.35 -13.04 2.66
CA PHE C 80 -0.09 -14.37 2.32
C PHE C 80 0.67 -15.40 3.13
N ASN C 81 -0.08 -16.28 3.78
CA ASN C 81 0.50 -17.35 4.57
C ASN C 81 0.35 -18.67 3.82
N LYS C 82 1.37 -19.02 3.04
CA LYS C 82 1.34 -20.23 2.22
C LYS C 82 1.15 -21.51 3.04
N VAL C 83 1.78 -21.54 4.22
CA VAL C 83 1.69 -22.68 5.12
C VAL C 83 0.26 -22.93 5.55
N GLN C 84 -0.44 -21.88 5.98
CA GLN C 84 -1.78 -22.06 6.50
C GLN C 84 -2.85 -22.05 5.41
N SER C 85 -2.47 -21.67 4.20
CA SER C 85 -3.42 -21.59 3.08
C SER C 85 -3.38 -22.88 2.24
N ALA C 86 -2.44 -23.75 2.57
CA ALA C 86 -2.23 -24.98 1.81
C ALA C 86 -3.49 -25.84 1.79
N ARG C 87 -4.16 -25.88 2.94
CA ARG C 87 -5.32 -26.73 3.15
C ARG C 87 -6.60 -26.24 2.46
N PHE C 88 -6.58 -25.05 1.86
CA PHE C 88 -7.82 -24.47 1.35
C PHE C 88 -7.99 -24.63 -0.16
N TRP C 89 -6.96 -25.12 -0.85
CA TRP C 89 -7.04 -25.40 -2.28
C TRP C 89 -7.73 -26.75 -2.55
N ILE C 90 -8.57 -26.80 -3.59
CA ILE C 90 -9.07 -28.07 -4.12
C ILE C 90 -7.85 -28.92 -4.52
N PRO C 91 -7.87 -30.24 -4.19
CA PRO C 91 -6.73 -31.10 -4.52
C PRO C 91 -6.36 -31.01 -5.99
N GLY C 92 -5.07 -30.84 -6.27
CA GLY C 92 -4.63 -30.64 -7.64
C GLY C 92 -4.53 -29.18 -8.04
N GLU C 93 -5.17 -28.29 -7.28
CA GLU C 93 -5.05 -26.86 -7.54
C GLU C 93 -3.98 -26.24 -6.61
N PRO C 94 -3.41 -25.09 -7.00
CA PRO C 94 -3.59 -24.38 -8.26
C PRO C 94 -2.84 -25.11 -9.37
N ASN C 95 -3.43 -25.18 -10.56
CA ASN C 95 -2.84 -25.96 -11.64
C ASN C 95 -2.38 -25.11 -12.83
N ASP C 96 -2.71 -23.82 -12.78
CA ASP C 96 -2.34 -22.89 -13.84
C ASP C 96 -2.67 -23.44 -15.23
N ALA C 97 -3.95 -23.73 -15.45
CA ALA C 97 -4.41 -24.23 -16.74
C ALA C 97 -4.12 -23.26 -17.88
N GLY C 98 -3.53 -23.78 -18.95
CA GLY C 98 -3.12 -22.98 -20.09
C GLY C 98 -2.15 -21.88 -19.72
N ASN C 99 -1.43 -22.08 -18.62
CA ASN C 99 -0.56 -21.04 -18.06
C ASN C 99 -1.21 -19.65 -17.93
N ASN C 100 -2.49 -19.62 -17.59
CA ASN C 100 -3.21 -18.35 -17.55
C ASN C 100 -4.23 -18.22 -16.40
N GLU C 101 -4.01 -18.95 -15.31
CA GLU C 101 -4.91 -18.87 -14.15
C GLU C 101 -4.22 -18.15 -12.97
N HIS C 102 -4.35 -16.83 -12.97
CA HIS C 102 -3.60 -15.98 -12.07
C HIS C 102 -4.50 -15.34 -11.01
N CYS C 103 -5.75 -15.80 -10.93
CA CYS C 103 -6.70 -15.33 -9.92
C CYS C 103 -7.39 -16.52 -9.27
N GLY C 104 -7.89 -16.34 -8.05
CA GLY C 104 -8.46 -17.42 -7.27
C GLY C 104 -9.92 -17.26 -6.87
N ASN C 105 -10.66 -18.37 -6.91
CA ASN C 105 -12.06 -18.36 -6.52
C ASN C 105 -12.41 -19.49 -5.54
N ILE C 106 -13.54 -19.38 -4.86
CA ILE C 106 -14.06 -20.48 -4.07
C ILE C 106 -14.97 -21.26 -5.02
N LYS C 107 -14.65 -22.53 -5.22
CA LYS C 107 -15.37 -23.36 -6.18
C LYS C 107 -16.09 -24.54 -5.51
N ALA C 108 -15.33 -25.38 -4.82
CA ALA C 108 -15.95 -26.56 -4.19
C ALA C 108 -16.58 -26.24 -2.84
N PRO C 109 -17.69 -26.95 -2.50
CA PRO C 109 -18.32 -26.83 -1.18
C PRO C 109 -17.62 -27.69 -0.12
N SER C 110 -16.37 -27.32 0.19
CA SER C 110 -15.53 -28.04 1.14
C SER C 110 -14.44 -27.10 1.63
N LEU C 111 -13.76 -27.47 2.71
CA LEU C 111 -12.62 -26.67 3.19
C LEU C 111 -11.61 -26.51 2.08
N GLN C 112 -11.42 -27.59 1.31
CA GLN C 112 -10.61 -27.52 0.11
CA GLN C 112 -10.60 -27.52 0.12
C GLN C 112 -11.46 -26.98 -1.02
N ALA C 113 -11.52 -25.65 -1.11
CA ALA C 113 -12.48 -24.98 -2.00
C ALA C 113 -11.89 -24.19 -3.16
N TRP C 114 -10.62 -23.79 -3.05
CA TRP C 114 -10.06 -22.82 -3.97
C TRP C 114 -9.66 -23.43 -5.30
N ASN C 115 -9.85 -22.67 -6.36
CA ASN C 115 -9.34 -23.03 -7.68
C ASN C 115 -8.70 -21.80 -8.31
N ASP C 116 -7.61 -21.97 -9.05
CA ASP C 116 -7.09 -20.85 -9.82
C ASP C 116 -7.77 -20.82 -11.19
N ALA C 117 -8.20 -19.64 -11.61
CA ALA C 117 -8.90 -19.52 -12.89
C ALA C 117 -8.41 -18.26 -13.57
N PRO C 118 -8.65 -18.14 -14.88
CA PRO C 118 -8.26 -16.92 -15.58
C PRO C 118 -8.99 -15.68 -15.04
N CYS C 119 -8.23 -14.63 -14.80
CA CYS C 119 -8.77 -13.40 -14.24
C CYS C 119 -9.86 -12.76 -15.07
N ASP C 120 -9.86 -13.01 -16.38
CA ASP C 120 -10.73 -12.26 -17.28
C ASP C 120 -12.06 -12.94 -17.64
N ILE C 121 -12.41 -13.99 -16.90
CA ILE C 121 -13.75 -14.55 -17.04
C ILE C 121 -14.62 -14.19 -15.82
N THR C 122 -15.93 -14.22 -15.99
CA THR C 122 -16.82 -13.67 -14.98
C THR C 122 -17.41 -14.73 -14.06
N PHE C 123 -17.37 -14.43 -12.76
CA PHE C 123 -18.11 -15.21 -11.76
C PHE C 123 -18.73 -14.20 -10.81
N LEU C 124 -19.59 -14.70 -9.94
CA LEU C 124 -20.01 -13.95 -8.79
C LEU C 124 -18.78 -13.78 -7.89
N PHE C 125 -18.89 -12.95 -6.86
CA PHE C 125 -17.73 -12.59 -6.07
C PHE C 125 -18.13 -12.23 -4.64
N ILE C 126 -17.14 -12.22 -3.76
CA ILE C 126 -17.35 -11.93 -2.34
C ILE C 126 -16.48 -10.76 -1.87
N CYS C 127 -17.13 -9.69 -1.43
CA CYS C 127 -16.44 -8.57 -0.79
C CYS C 127 -16.38 -8.77 0.73
N LYS C 128 -15.35 -8.22 1.34
CA LYS C 128 -15.20 -8.27 2.79
C LYS C 128 -14.93 -6.86 3.29
N ARG C 129 -15.66 -6.47 4.32
CA ARG C 129 -15.64 -5.13 4.86
CA ARG C 129 -15.60 -5.14 4.87
C ARG C 129 -15.57 -5.22 6.38
N PRO C 130 -14.61 -4.53 7.01
CA PRO C 130 -14.55 -4.64 8.48
C PRO C 130 -15.66 -3.84 9.16
N TYR C 131 -16.15 -4.36 10.29
CA TYR C 131 -17.07 -3.56 11.12
C TYR C 131 -16.21 -2.69 12.01
N VAL C 132 -16.50 -1.38 12.02
CA VAL C 132 -15.75 -0.47 12.86
C VAL C 132 -16.66 0.19 13.92
N PRO C 133 -16.63 -0.35 15.16
CA PRO C 133 -17.43 0.19 16.26
C PRO C 133 -17.02 1.62 16.58
N GLN D 5 -5.06 25.38 10.21
CA GLN D 5 -4.75 26.41 9.22
C GLN D 5 -3.24 26.62 9.07
N GLY D 6 -2.84 27.45 8.11
CA GLY D 6 -1.44 27.71 7.84
C GLY D 6 -0.95 26.96 6.61
N TRP D 7 -1.87 26.35 5.87
CA TRP D 7 -1.51 25.63 4.67
C TRP D 7 -1.21 26.58 3.50
N LYS D 8 -0.08 26.35 2.83
CA LYS D 8 0.32 27.13 1.67
C LYS D 8 0.08 26.37 0.36
N TYR D 9 -0.51 27.04 -0.62
CA TYR D 9 -0.90 26.39 -1.86
C TYR D 9 0.21 26.45 -2.89
N PHE D 10 0.44 25.33 -3.57
CA PHE D 10 1.35 25.29 -4.71
C PHE D 10 0.98 24.13 -5.62
N LYS D 11 0.62 24.44 -6.87
CA LYS D 11 0.35 23.43 -7.90
C LYS D 11 -0.54 22.26 -7.50
N GLY D 12 -1.72 22.56 -6.97
CA GLY D 12 -2.71 21.52 -6.72
C GLY D 12 -2.51 20.77 -5.43
N ASN D 13 -1.59 21.25 -4.60
CA ASN D 13 -1.33 20.69 -3.27
C ASN D 13 -1.20 21.78 -2.22
N PHE D 14 -1.53 21.44 -0.98
CA PHE D 14 -1.31 22.32 0.17
C PHE D 14 -0.15 21.81 1.02
N TYR D 15 0.61 22.75 1.57
CA TYR D 15 1.83 22.41 2.31
C TYR D 15 1.83 23.08 3.67
N TYR D 16 2.13 22.29 4.69
CA TYR D 16 2.19 22.79 6.05
C TYR D 16 3.64 22.81 6.52
N PHE D 17 4.14 23.99 6.83
CA PHE D 17 5.50 24.12 7.32
C PHE D 17 5.45 24.25 8.83
N SER D 18 5.86 23.22 9.56
CA SER D 18 5.66 23.22 11.00
C SER D 18 6.51 24.25 11.73
N LEU D 19 6.04 24.64 12.91
CA LEU D 19 6.77 25.52 13.82
C LEU D 19 7.34 24.69 14.98
N ILE D 20 6.87 23.45 15.10
CA ILE D 20 7.29 22.54 16.15
C ILE D 20 8.19 21.46 15.55
N PRO D 21 9.34 21.18 16.20
CA PRO D 21 10.23 20.14 15.71
C PRO D 21 9.83 18.76 16.23
N LYS D 22 9.98 17.74 15.39
CA LYS D 22 9.63 16.37 15.76
C LYS D 22 10.59 15.38 15.11
N THR D 23 10.59 14.15 15.61
CA THR D 23 11.33 13.10 14.95
C THR D 23 10.65 12.84 13.61
N TRP D 24 11.29 12.09 12.73
CA TRP D 24 10.72 11.88 11.40
C TRP D 24 9.37 11.19 11.49
N TYR D 25 9.30 10.09 12.24
CA TYR D 25 8.06 9.36 12.31
C TYR D 25 6.95 10.09 13.04
N SER D 26 7.30 10.80 14.10
CA SER D 26 6.30 11.59 14.80
C SER D 26 5.82 12.75 13.90
N ALA D 27 6.71 13.28 13.07
CA ALA D 27 6.30 14.26 12.07
C ALA D 27 5.26 13.63 11.16
N GLU D 28 5.55 12.43 10.65
CA GLU D 28 4.64 11.76 9.74
C GLU D 28 3.29 11.52 10.39
N GLN D 29 3.31 11.09 11.66
CA GLN D 29 2.07 10.86 12.40
C GLN D 29 1.25 12.16 12.51
N PHE D 30 1.94 13.25 12.81
CA PHE D 30 1.30 14.56 12.86
C PHE D 30 0.63 14.89 11.52
N CYS D 31 1.34 14.68 10.41
CA CYS D 31 0.79 14.95 9.09
C CYS D 31 -0.41 14.06 8.84
N VAL D 32 -0.29 12.79 9.21
CA VAL D 32 -1.37 11.81 9.03
C VAL D 32 -2.61 12.28 9.79
N SER D 33 -2.41 12.76 11.02
CA SER D 33 -3.55 13.27 11.81
C SER D 33 -4.20 14.48 11.14
N ARG D 34 -3.48 15.12 10.22
CA ARG D 34 -4.05 16.21 9.44
C ARG D 34 -4.33 15.80 8.00
N ASN D 35 -4.63 14.52 7.77
CA ASN D 35 -5.04 14.06 6.45
C ASN D 35 -3.97 14.34 5.39
N SER D 36 -2.70 14.16 5.76
CA SER D 36 -1.60 14.45 4.85
C SER D 36 -0.41 13.51 5.09
N HIS D 37 0.67 13.74 4.35
CA HIS D 37 1.92 13.04 4.57
C HIS D 37 3.06 14.04 4.53
N LEU D 38 4.17 13.70 5.18
CA LEU D 38 5.44 14.38 4.89
C LEU D 38 5.60 14.46 3.38
N THR D 39 6.02 15.62 2.91
CA THR D 39 5.99 15.95 1.49
C THR D 39 6.93 15.09 0.63
N SER D 40 6.44 14.66 -0.52
CA SER D 40 7.36 14.16 -1.54
C SER D 40 7.86 15.36 -2.35
N VAL D 41 8.88 15.14 -3.18
CA VAL D 41 9.40 16.19 -4.07
C VAL D 41 9.64 15.56 -5.42
N THR D 42 8.91 15.97 -6.44
CA THR D 42 9.00 15.27 -7.71
C THR D 42 9.17 16.19 -8.92
N SER D 43 9.54 17.44 -8.67
CA SER D 43 9.85 18.34 -9.76
C SER D 43 10.75 19.45 -9.25
N GLU D 44 11.47 20.07 -10.17
CA GLU D 44 12.35 21.16 -9.84
C GLU D 44 11.54 22.30 -9.23
N SER D 45 10.36 22.55 -9.79
CA SER D 45 9.54 23.66 -9.33
C SER D 45 9.00 23.44 -7.92
N GLU D 46 8.63 22.20 -7.61
CA GLU D 46 8.23 21.86 -6.24
C GLU D 46 9.41 22.00 -5.27
N GLN D 47 10.57 21.47 -5.67
CA GLN D 47 11.79 21.62 -4.87
C GLN D 47 12.11 23.10 -4.60
N GLU D 48 11.97 23.93 -5.64
CA GLU D 48 12.20 25.36 -5.50
C GLU D 48 11.22 26.02 -4.53
N PHE D 49 9.92 25.73 -4.69
CA PHE D 49 8.91 26.28 -3.80
C PHE D 49 9.23 25.89 -2.37
N LEU D 50 9.67 24.66 -2.18
CA LEU D 50 9.93 24.17 -0.84
C LEU D 50 11.18 24.80 -0.20
N TYR D 51 12.30 24.81 -0.90
CA TYR D 51 13.50 25.36 -0.27
C TYR D 51 13.37 26.87 -0.06
N LYS D 52 12.74 27.55 -1.01
CA LYS D 52 12.55 28.98 -0.87
C LYS D 52 11.66 29.27 0.33
N THR D 53 10.53 28.56 0.43
CA THR D 53 9.63 28.76 1.57
C THR D 53 10.31 28.37 2.89
N ALA D 54 11.20 27.38 2.81
CA ALA D 54 11.90 26.91 4.00
C ALA D 54 12.77 28.02 4.61
N GLY D 55 13.21 28.95 3.77
CA GLY D 55 13.98 30.09 4.22
C GLY D 55 15.22 29.73 5.02
N GLY D 56 15.94 28.71 4.55
CA GLY D 56 17.21 28.36 5.15
C GLY D 56 17.15 27.58 6.44
N LEU D 57 15.95 27.17 6.86
CA LEU D 57 15.80 26.29 8.02
C LEU D 57 15.63 24.83 7.57
N ILE D 58 15.89 23.90 8.48
CA ILE D 58 15.85 22.46 8.17
C ILE D 58 14.49 21.83 8.42
N TYR D 59 13.90 21.22 7.40
CA TYR D 59 12.63 20.52 7.56
C TYR D 59 12.67 19.08 7.08
N TRP D 60 12.20 18.16 7.91
CA TRP D 60 11.95 16.79 7.50
C TRP D 60 11.03 16.80 6.29
N ILE D 61 11.37 16.02 5.26
CA ILE D 61 10.40 15.73 4.20
C ILE D 61 10.12 14.22 4.17
N GLY D 62 9.40 13.72 3.17
CA GLY D 62 8.92 12.35 3.19
C GLY D 62 9.93 11.29 2.82
N LEU D 63 11.20 11.68 2.82
CA LEU D 63 12.30 10.84 2.31
C LEU D 63 12.72 9.84 3.36
N THR D 64 12.73 8.56 3.01
CA THR D 64 13.11 7.56 4.00
C THR D 64 13.52 6.27 3.29
N LYS D 65 14.48 5.58 3.87
CA LYS D 65 14.86 4.27 3.34
C LYS D 65 13.78 3.21 3.63
N ALA D 66 13.54 2.36 2.62
CA ALA D 66 12.69 1.18 2.76
C ALA D 66 13.18 0.04 1.85
N GLY D 67 12.61 -1.14 2.02
CA GLY D 67 12.98 -2.31 1.24
C GLY D 67 14.25 -2.99 1.74
N MET D 68 14.52 -4.18 1.19
CA MET D 68 15.66 -5.00 1.59
C MET D 68 17.04 -4.34 1.44
N GLU D 69 17.22 -3.58 0.36
CA GLU D 69 18.52 -2.97 0.08
C GLU D 69 18.63 -1.54 0.59
N GLY D 70 17.56 -1.07 1.24
CA GLY D 70 17.56 0.25 1.82
C GLY D 70 17.64 1.36 0.78
N ASP D 71 16.85 1.25 -0.28
CA ASP D 71 16.79 2.31 -1.27
C ASP D 71 15.91 3.44 -0.72
N TRP D 72 16.18 4.66 -1.15
CA TRP D 72 15.35 5.79 -0.75
C TRP D 72 13.94 5.66 -1.30
N SER D 73 12.97 6.16 -0.53
CA SER D 73 11.59 6.05 -0.89
C SER D 73 10.83 7.27 -0.37
N TRP D 74 9.60 7.45 -0.87
CA TRP D 74 8.72 8.50 -0.37
C TRP D 74 7.62 7.89 0.52
N VAL D 75 7.42 8.46 1.70
CA VAL D 75 6.44 7.92 2.64
C VAL D 75 5.00 7.97 2.09
N ASP D 76 4.72 8.92 1.19
CA ASP D 76 3.38 8.99 0.58
C ASP D 76 3.20 7.99 -0.57
N ASP D 77 4.22 7.14 -0.75
CA ASP D 77 4.22 6.02 -1.69
C ASP D 77 4.46 6.38 -3.16
N THR D 78 4.71 7.66 -3.45
CA THR D 78 5.20 8.05 -4.77
C THR D 78 6.46 7.24 -5.04
N PRO D 79 6.54 6.58 -6.19
CA PRO D 79 7.76 5.83 -6.53
C PRO D 79 8.96 6.79 -6.60
N PHE D 80 10.09 6.40 -6.02
CA PHE D 80 11.26 7.26 -5.95
C PHE D 80 12.07 7.18 -7.24
N ASN D 81 12.34 8.33 -7.83
CA ASN D 81 13.10 8.39 -9.06
C ASN D 81 14.54 8.77 -8.69
N LYS D 82 15.41 7.78 -8.60
CA LYS D 82 16.78 8.01 -8.13
C LYS D 82 17.58 8.85 -9.12
N VAL D 83 17.42 8.58 -10.41
CA VAL D 83 18.07 9.37 -11.45
C VAL D 83 17.73 10.85 -11.32
N GLN D 84 16.44 11.17 -11.37
CA GLN D 84 16.00 12.56 -11.36
C GLN D 84 16.16 13.25 -10.02
N SER D 85 16.29 12.47 -8.95
CA SER D 85 16.47 13.02 -7.62
C SER D 85 17.94 13.32 -7.29
N ALA D 86 18.86 12.75 -8.07
CA ALA D 86 20.28 12.88 -7.77
C ALA D 86 20.69 14.35 -7.60
N ARG D 87 20.16 15.21 -8.45
CA ARG D 87 20.46 16.63 -8.40
C ARG D 87 19.84 17.37 -7.21
N PHE D 88 18.99 16.70 -6.44
CA PHE D 88 18.31 17.38 -5.34
C PHE D 88 19.06 17.22 -4.00
N TRP D 89 20.07 16.37 -3.97
CA TRP D 89 20.86 16.19 -2.76
C TRP D 89 21.97 17.25 -2.63
N ILE D 90 22.28 17.62 -1.40
CA ILE D 90 23.49 18.39 -1.11
C ILE D 90 24.71 17.58 -1.57
N PRO D 91 25.66 18.22 -2.27
CA PRO D 91 26.87 17.54 -2.73
C PRO D 91 27.49 16.65 -1.65
N GLY D 92 27.70 15.37 -1.98
CA GLY D 92 28.22 14.43 -1.00
C GLY D 92 27.15 13.72 -0.16
N GLU D 93 25.90 14.12 -0.35
CA GLU D 93 24.79 13.43 0.34
C GLU D 93 24.08 12.55 -0.67
N PRO D 94 23.41 11.47 -0.21
CA PRO D 94 23.34 10.98 1.18
C PRO D 94 24.64 10.27 1.55
N ASN D 95 25.19 10.57 2.72
CA ASN D 95 26.49 10.01 3.07
C ASN D 95 26.40 8.94 4.15
N ASP D 96 25.17 8.66 4.60
CA ASP D 96 24.89 7.68 5.65
C ASP D 96 25.89 7.77 6.80
N ALA D 97 26.01 8.96 7.37
CA ALA D 97 26.97 9.23 8.42
C ALA D 97 26.72 8.31 9.61
N GLY D 98 27.76 7.61 10.04
CA GLY D 98 27.66 6.67 11.15
C GLY D 98 26.80 5.47 10.82
N ASN D 99 26.59 5.24 9.52
CA ASN D 99 25.67 4.20 9.05
C ASN D 99 24.31 4.25 9.75
N ASN D 100 23.80 5.46 9.98
CA ASN D 100 22.56 5.63 10.72
C ASN D 100 21.65 6.77 10.25
N GLU D 101 21.80 7.21 9.01
CA GLU D 101 20.97 8.32 8.53
C GLU D 101 19.96 7.79 7.51
N HIS D 102 18.80 7.39 8.02
CA HIS D 102 17.84 6.66 7.19
C HIS D 102 16.60 7.49 6.82
N CYS D 103 16.62 8.77 7.15
CA CYS D 103 15.56 9.71 6.77
C CYS D 103 16.17 10.95 6.15
N GLY D 104 15.35 11.73 5.44
CA GLY D 104 15.87 12.88 4.73
C GLY D 104 15.13 14.18 5.00
N ASN D 105 15.86 15.29 4.90
CA ASN D 105 15.30 16.62 5.14
C ASN D 105 15.76 17.64 4.11
N ILE D 106 15.06 18.77 4.07
CA ILE D 106 15.50 19.90 3.28
C ILE D 106 16.39 20.69 4.22
N LYS D 107 17.64 20.92 3.82
CA LYS D 107 18.63 21.58 4.68
C LYS D 107 19.25 22.83 4.07
N ALA D 108 19.54 22.81 2.78
CA ALA D 108 20.11 23.99 2.14
C ALA D 108 19.08 24.68 1.23
N PRO D 109 19.14 26.03 1.15
CA PRO D 109 18.29 26.74 0.19
C PRO D 109 18.94 26.74 -1.19
N SER D 110 18.82 25.61 -1.87
CA SER D 110 19.38 25.41 -3.19
C SER D 110 18.60 24.26 -3.81
N LEU D 111 18.62 24.11 -5.13
CA LEU D 111 18.05 22.90 -5.71
C LEU D 111 18.74 21.70 -5.10
N GLN D 112 20.05 21.82 -4.85
N GLN D 112 20.05 21.83 -4.85
CA GLN D 112 20.78 20.80 -4.11
CA GLN D 112 20.79 20.84 -4.09
C GLN D 112 20.56 21.03 -2.62
C GLN D 112 20.52 21.08 -2.61
N ALA D 113 19.44 20.50 -2.12
CA ALA D 113 18.95 20.82 -0.78
C ALA D 113 18.96 19.69 0.25
N TRP D 114 18.87 18.44 -0.21
CA TRP D 114 18.62 17.34 0.73
C TRP D 114 19.83 16.82 1.51
N ASN D 115 19.59 16.48 2.76
CA ASN D 115 20.55 15.74 3.55
C ASN D 115 19.86 14.54 4.19
N ASP D 116 20.58 13.43 4.29
CA ASP D 116 20.11 12.31 5.11
C ASP D 116 20.59 12.51 6.53
N ALA D 117 19.67 12.29 7.48
CA ALA D 117 19.94 12.45 8.91
C ALA D 117 19.27 11.31 9.65
N PRO D 118 19.65 11.10 10.92
CA PRO D 118 19.00 10.06 11.73
C PRO D 118 17.52 10.33 11.99
N CYS D 119 16.68 9.31 11.81
CA CYS D 119 15.23 9.45 11.91
C CYS D 119 14.78 9.87 13.30
N ASP D 120 15.60 9.55 14.30
CA ASP D 120 15.23 9.76 15.70
C ASP D 120 15.58 11.14 16.29
N ILE D 121 16.21 12.01 15.50
CA ILE D 121 16.42 13.37 15.97
C ILE D 121 15.37 14.32 15.39
N THR D 122 15.11 15.41 16.13
CA THR D 122 13.98 16.27 15.82
C THR D 122 14.35 17.45 14.94
N PHE D 123 13.49 17.74 13.97
CA PHE D 123 13.60 18.95 13.17
C PHE D 123 12.19 19.42 12.90
N LEU D 124 12.06 20.62 12.32
CA LEU D 124 10.76 21.04 11.79
C LEU D 124 10.44 20.13 10.59
N PHE D 125 9.21 20.18 10.11
CA PHE D 125 8.79 19.25 9.07
C PHE D 125 7.76 19.86 8.12
N ILE D 126 7.65 19.31 6.92
CA ILE D 126 6.67 19.78 5.95
C ILE D 126 5.68 18.68 5.55
N CYS D 127 4.39 18.95 5.75
CA CYS D 127 3.31 18.07 5.30
C CYS D 127 2.78 18.50 3.93
N LYS D 128 2.20 17.55 3.21
CA LYS D 128 1.67 17.82 1.89
C LYS D 128 0.34 17.10 1.74
N ARG D 129 -0.69 17.80 1.33
CA ARG D 129 -1.95 17.13 1.00
C ARG D 129 -2.59 17.68 -0.29
N PRO D 130 -3.25 16.80 -1.04
CA PRO D 130 -3.86 17.25 -2.29
C PRO D 130 -4.99 18.22 -2.04
N TYR D 131 -5.13 19.19 -2.94
CA TYR D 131 -6.33 20.01 -2.98
C TYR D 131 -7.51 19.11 -3.32
N VAL D 132 -8.54 19.12 -2.48
CA VAL D 132 -9.74 18.34 -2.71
C VAL D 132 -10.96 19.23 -2.94
C1 GAL E . -16.52 1.87 -30.72
C2 GAL E . -15.58 2.24 -29.58
C3 GAL E . -16.01 3.58 -28.96
C4 GAL E . -16.09 4.64 -30.05
C5 GAL E . -16.90 4.16 -31.26
C6 GAL E . -16.75 5.14 -32.43
O1 GAL E . -16.15 0.63 -31.28
O2 GAL E . -15.55 1.21 -28.62
O3 GAL E . -15.11 4.01 -27.96
O4 GAL E . -14.79 5.01 -30.47
O5 GAL E . -16.46 2.88 -31.70
O6 GAL E . -17.02 4.48 -33.65
C1 NAG E . -15.84 4.77 -26.97
C2 NAG E . -15.33 4.44 -25.56
C3 NAG E . -15.87 5.42 -24.52
C4 NAG E . -15.62 6.84 -24.99
C5 NAG E . -16.36 7.04 -26.30
C6 NAG E . -16.19 8.44 -26.85
C7 NAG E . -14.87 2.06 -25.32
C8 NAG E . -15.41 0.71 -24.95
N2 NAG E . -15.71 3.08 -25.24
O3 NAG E . -15.30 5.24 -23.23
O4 NAG E . -16.03 7.75 -24.01
O5 NAG E . -15.82 6.17 -27.28
O6 NAG E . -15.00 8.47 -27.61
O7 NAG E . -13.69 2.18 -25.66
C1 GAL F . 6.75 5.24 33.93
C2 GAL F . 6.08 4.73 32.65
C3 GAL F . 4.55 4.80 32.73
C4 GAL F . 4.07 4.19 34.05
C5 GAL F . 4.83 4.79 35.22
C6 GAL F . 4.39 4.18 36.55
O1 GAL F . 8.14 5.01 33.88
O2 GAL F . 6.50 5.53 31.55
O3 GAL F . 3.99 4.07 31.66
O4 GAL F . 4.28 2.79 34.00
O5 GAL F . 6.22 4.56 35.05
O6 GAL F . 5.14 4.78 37.59
C1 NAG F . 2.68 4.56 31.32
C2 NAG F . 2.58 4.55 29.80
C3 NAG F . 1.18 4.81 29.27
C4 NAG F . 0.21 3.90 29.96
C5 NAG F . 0.34 4.11 31.47
C6 NAG F . -0.65 3.24 32.23
C7 NAG F . 4.64 5.18 28.74
C8 NAG F . 5.62 6.29 28.43
N2 NAG F . 3.49 5.54 29.26
O3 NAG F . 1.16 4.55 27.88
O4 NAG F . -1.09 4.21 29.51
O5 NAG F . 1.66 3.80 31.92
O6 NAG F . -0.38 3.36 33.61
O7 NAG F . 4.94 4.00 28.51
C1 GAL G . -15.48 -26.69 -18.32
C2 GAL G . -14.77 -25.83 -17.29
C3 GAL G . -13.61 -26.55 -16.61
C4 GAL G . -14.03 -27.97 -16.20
C5 GAL G . -14.71 -28.68 -17.36
C6 GAL G . -15.23 -30.03 -16.90
O1 GAL G . -16.69 -26.06 -18.73
O2 GAL G . -14.28 -24.65 -17.91
O3 GAL G . -13.20 -25.83 -15.46
O4 GAL G . -14.90 -27.91 -15.08
O5 GAL G . -15.83 -27.93 -17.77
O6 GAL G . -16.36 -29.77 -16.09
C1 NAG G . -11.81 -26.08 -15.18
C2 NAG G . -11.16 -24.79 -14.66
C3 NAG G . -9.73 -25.06 -14.22
C4 NAG G . -9.76 -26.14 -13.13
C5 NAG G . -10.40 -27.40 -13.71
C6 NAG G . -10.59 -28.48 -12.65
C7 NAG G . -12.03 -22.77 -15.68
C8 NAG G . -12.04 -21.90 -16.90
N2 NAG G . -11.17 -23.77 -15.68
O3 NAG G . -9.14 -23.88 -13.73
O4 NAG G . -8.46 -26.41 -12.68
O5 NAG G . -11.69 -27.13 -14.24
O6 NAG G . -9.37 -29.14 -12.43
O7 NAG G . -12.80 -22.54 -14.74
C1 GAL H . 26.42 20.19 13.43
C2 GAL H . 25.49 19.39 12.49
C3 GAL H . 26.25 18.75 11.33
C4 GAL H . 27.13 19.81 10.67
C5 GAL H . 27.98 20.56 11.70
C6 GAL H . 28.78 21.69 11.08
O1 GAL H . 25.69 20.88 14.42
O2 GAL H . 24.81 18.41 13.26
O3 GAL H . 25.33 18.18 10.40
O4 GAL H . 26.33 20.75 9.98
O5 GAL H . 27.14 21.13 12.67
O6 GAL H . 29.96 21.91 11.84
C1 NAG H . 25.89 17.09 9.63
C2 NAG H . 24.77 16.05 9.36
C3 NAG H . 25.14 14.99 8.32
C4 NAG H . 25.67 15.69 7.09
C5 NAG H . 26.85 16.58 7.48
C6 NAG H . 27.43 17.32 6.28
C7 NAG H . 23.32 15.83 11.26
C8 NAG H . 23.04 15.23 12.61
N2 NAG H . 24.39 15.40 10.59
O3 NAG H . 24.00 14.22 7.94
O4 NAG H . 26.03 14.71 6.15
O5 NAG H . 26.49 17.56 8.44
O6 NAG H . 28.70 17.83 6.64
O7 NAG H . 22.58 16.70 10.81
CA CA I . -14.94 7.29 -21.74
CA CA J . -1.15 4.18 26.96
CA CA K . -7.39 -24.22 -11.92
CA CA L . 24.08 13.07 5.76
MG MG M . 28.41 3.08 5.12
#